data_8BR6
#
_entry.id   8BR6
#
_cell.length_a   87.725
_cell.length_b   118.573
_cell.length_c   138.709
_cell.angle_alpha   90.000
_cell.angle_beta   90.000
_cell.angle_gamma   90.000
#
_symmetry.space_group_name_H-M   'I 2 2 2'
#
loop_
_entity.id
_entity.type
_entity.pdbx_description
1 polymer 'Interleukin-1 receptor-associated kinase 4'
2 non-polymer ~{N}-[6-methoxy-2-(2-methylsulfonylethyl)-1,3-dihydroindazol-5-yl]-6-(2-oxidanylpropan-2-yl)pyridine-2-carboxamide
3 non-polymer 'ACETATE ION'
4 water water
#
_entity_poly.entity_id   1
_entity_poly.type   'polypeptide(L)'
_entity_poly.pdbx_seq_one_letter_code
;GSFHSFSFYELKNVTNNFDERPISVGGNKMGEGGFGVVYKGYVNNTTVAVKKLAAMVDITTEELKQQFDQEIKVMAKCQH
ENLVELLGFSSDGDDLCLVYVYMPNGSLLDRLSCLDGTPPLSWHMRCKIAQGAANGINFLHENHHIHRDIKSANILLDEA
FTAKISDFGLARASEKFAQTVM(TPO)(SEP)RIVGTTAYMAPEALRGEITPKSDIYSFGVVLLEIITGLPAVDEHREPQ
LLLDIAAAIEDEEKTIEDYIDKKMNDADSTSVEAMYSVASQCLHEKKNKRPDIKKVQQLLQEMTAS
;
_entity_poly.pdbx_strand_id   AAA,BBB
#
loop_
_chem_comp.id
_chem_comp.type
_chem_comp.name
_chem_comp.formula
ACT non-polymer 'ACETATE ION' 'C2 H3 O2 -1'
R6I non-polymer ~{N}-[6-methoxy-2-(2-methylsulfonylethyl)-1,3-dihydroindazol-5-yl]-6-(2-oxidanylpropan-2-yl)pyridine-2-carboxamide 'C20 H26 N4 O5 S'
#
# COMPACT_ATOMS: atom_id res chain seq x y z
N PHE A 3 15.82 12.90 -14.22
CA PHE A 3 15.20 14.11 -14.86
C PHE A 3 15.62 14.19 -16.33
N HIS A 4 14.64 14.20 -17.24
CA HIS A 4 14.81 14.31 -18.72
C HIS A 4 13.81 15.31 -19.30
N SER A 5 13.97 15.66 -20.57
CA SER A 5 12.90 16.22 -21.45
C SER A 5 12.35 15.08 -22.30
N PHE A 6 11.03 14.95 -22.38
CA PHE A 6 10.33 13.89 -23.14
C PHE A 6 9.71 14.49 -24.40
N SER A 7 9.78 13.76 -25.52
CA SER A 7 8.99 14.07 -26.73
C SER A 7 7.52 14.13 -26.33
N PHE A 8 6.81 15.19 -26.73
CA PHE A 8 5.34 15.31 -26.55
C PHE A 8 4.67 14.05 -27.13
N TYR A 9 5.25 13.48 -28.19
CA TYR A 9 4.69 12.33 -28.94
C TYR A 9 4.93 11.03 -28.17
N GLU A 10 6.03 10.91 -27.44
CA GLU A 10 6.28 9.74 -26.54
C GLU A 10 5.18 9.70 -25.47
N LEU A 11 4.91 10.83 -24.82
CA LEU A 11 3.90 10.97 -23.74
C LEU A 11 2.51 10.74 -24.33
N LYS A 12 2.23 11.34 -25.49
CA LYS A 12 0.97 11.12 -26.26
C LYS A 12 0.81 9.63 -26.55
N ASN A 13 1.88 8.98 -27.02
CA ASN A 13 1.89 7.57 -27.48
C ASN A 13 1.60 6.65 -26.28
N VAL A 14 2.34 6.79 -25.18
CA VAL A 14 2.32 5.83 -24.02
C VAL A 14 1.11 6.09 -23.11
N THR A 15 0.27 7.10 -23.39
CA THR A 15 -1.00 7.36 -22.67
C THR A 15 -2.20 7.04 -23.57
N ASN A 16 -1.98 6.29 -24.66
CA ASN A 16 -3.02 5.91 -25.66
C ASN A 16 -3.68 7.19 -26.19
N ASN A 17 -2.86 8.18 -26.58
CA ASN A 17 -3.30 9.48 -27.17
C ASN A 17 -4.09 10.28 -26.14
N PHE A 18 -3.63 10.31 -24.89
CA PHE A 18 -4.22 11.07 -23.76
C PHE A 18 -5.69 10.68 -23.60
N ASP A 19 -5.94 9.38 -23.41
CA ASP A 19 -7.28 8.74 -23.33
C ASP A 19 -7.98 9.17 -22.04
N GLU A 20 -9.07 9.95 -22.14
CA GLU A 20 -9.80 10.59 -21.01
C GLU A 20 -10.70 9.58 -20.28
N ARG A 21 -10.86 8.37 -20.81
CA ARG A 21 -11.71 7.32 -20.19
C ARG A 21 -10.99 6.78 -18.96
N PRO A 22 -11.71 6.41 -17.87
CA PRO A 22 -11.08 5.86 -16.67
C PRO A 22 -10.28 4.56 -16.92
N ILE A 23 -9.37 4.23 -16.00
CA ILE A 23 -8.59 2.96 -16.00
C ILE A 23 -9.57 1.79 -15.87
N SER A 24 -10.70 2.01 -15.18
CA SER A 24 -11.81 1.05 -14.97
C SER A 24 -12.40 0.64 -16.33
N VAL A 25 -12.71 1.61 -17.19
CA VAL A 25 -13.24 1.40 -18.58
C VAL A 25 -12.14 0.72 -19.41
N GLY A 26 -10.88 1.11 -19.21
CA GLY A 26 -9.72 0.66 -20.00
C GLY A 26 -8.91 1.82 -20.55
N GLY A 27 -9.29 3.07 -20.22
CA GLY A 27 -8.59 4.30 -20.64
C GLY A 27 -7.37 4.59 -19.79
N ASN A 28 -6.94 5.85 -19.72
CA ASN A 28 -5.66 6.27 -19.10
C ASN A 28 -5.86 7.40 -18.07
N LYS A 29 -7.06 8.00 -17.97
CA LYS A 29 -7.33 9.12 -17.04
C LYS A 29 -7.42 8.58 -15.61
N MET A 30 -6.62 9.14 -14.69
CA MET A 30 -6.51 8.71 -13.27
C MET A 30 -7.13 9.76 -12.34
N GLY A 31 -7.07 11.03 -12.74
CA GLY A 31 -7.73 12.15 -12.03
C GLY A 31 -7.60 13.43 -12.83
N GLU A 32 -8.08 14.55 -12.29
CA GLU A 32 -7.94 15.90 -12.89
C GLU A 32 -7.98 16.95 -11.77
N GLY A 33 -7.49 18.16 -12.07
CA GLY A 33 -7.53 19.33 -11.17
C GLY A 33 -7.82 20.60 -11.95
N GLY A 34 -7.58 21.76 -11.31
CA GLY A 34 -7.81 23.09 -11.91
C GLY A 34 -6.87 23.36 -13.08
N PHE A 35 -5.71 22.70 -13.12
CA PHE A 35 -4.60 22.98 -14.06
C PHE A 35 -4.32 21.78 -14.96
N GLY A 36 -5.26 20.83 -15.07
CA GLY A 36 -5.25 19.78 -16.12
C GLY A 36 -5.63 18.40 -15.63
N VAL A 37 -5.31 17.38 -16.44
CA VAL A 37 -5.70 15.95 -16.26
C VAL A 37 -4.44 15.12 -16.03
N VAL A 38 -4.52 14.11 -15.18
CA VAL A 38 -3.42 13.15 -14.87
C VAL A 38 -3.69 11.85 -15.64
N TYR A 39 -2.76 11.46 -16.52
CA TYR A 39 -2.84 10.22 -17.33
C TYR A 39 -1.80 9.22 -16.82
N LYS A 40 -2.17 7.93 -16.82
CA LYS A 40 -1.26 6.79 -16.57
C LYS A 40 -0.48 6.50 -17.87
N GLY A 41 0.85 6.44 -17.78
CA GLY A 41 1.75 6.14 -18.91
C GLY A 41 2.82 5.14 -18.53
N TYR A 42 3.60 4.71 -19.52
CA TYR A 42 4.75 3.78 -19.39
C TYR A 42 5.91 4.32 -20.24
N VAL A 43 6.97 4.81 -19.59
CA VAL A 43 8.24 5.27 -20.23
C VAL A 43 9.42 4.68 -19.45
N ASN A 44 10.54 4.43 -20.15
CA ASN A 44 11.81 3.94 -19.55
C ASN A 44 11.56 2.66 -18.75
N ASN A 45 10.68 1.78 -19.26
CA ASN A 45 10.34 0.45 -18.67
C ASN A 45 9.73 0.62 -17.27
N THR A 46 8.97 1.71 -17.05
CA THR A 46 8.37 2.07 -15.74
C THR A 46 6.98 2.69 -15.96
N THR A 47 6.03 2.39 -15.08
CA THR A 47 4.72 3.08 -15.00
C THR A 47 4.97 4.49 -14.44
N VAL A 48 4.39 5.52 -15.08
CA VAL A 48 4.58 6.94 -14.70
C VAL A 48 3.22 7.66 -14.68
N ALA A 49 3.15 8.80 -14.02
CA ALA A 49 2.01 9.74 -14.07
C ALA A 49 2.37 10.90 -15.00
N VAL A 50 1.50 11.19 -15.97
CA VAL A 50 1.70 12.31 -16.94
C VAL A 50 0.60 13.36 -16.67
N LYS A 51 1.01 14.50 -16.15
CA LYS A 51 0.16 15.71 -15.97
C LYS A 51 0.19 16.49 -17.29
N LYS A 52 -0.90 16.49 -18.05
CA LYS A 52 -1.08 17.35 -19.25
C LYS A 52 -1.74 18.65 -18.81
N LEU A 53 -0.96 19.75 -18.77
CA LEU A 53 -1.41 21.06 -18.22
C LEU A 53 -2.35 21.74 -19.22
N ALA A 54 -3.41 22.36 -18.71
CA ALA A 54 -4.42 23.12 -19.48
C ALA A 54 -5.22 24.00 -18.50
N ALA A 55 -5.65 25.18 -18.93
CA ALA A 55 -6.46 26.13 -18.14
C ALA A 55 -7.91 25.60 -18.06
N MET A 56 -8.18 24.72 -17.09
CA MET A 56 -9.53 24.17 -16.78
C MET A 56 -10.24 25.13 -15.81
N VAL A 57 -9.80 26.39 -15.79
CA VAL A 57 -10.20 27.45 -14.80
C VAL A 57 -9.66 28.78 -15.35
N ASP A 58 -10.19 29.93 -14.90
CA ASP A 58 -9.79 31.28 -15.38
C ASP A 58 -8.34 31.56 -14.98
N ILE A 59 -7.38 31.02 -15.74
CA ILE A 59 -5.93 31.38 -15.67
C ILE A 59 -5.40 31.57 -17.09
N THR A 60 -4.47 32.50 -17.28
CA THR A 60 -3.77 32.79 -18.55
C THR A 60 -2.95 31.55 -18.97
N THR A 61 -2.61 31.45 -20.26
CA THR A 61 -1.73 30.37 -20.80
C THR A 61 -0.28 30.65 -20.37
N GLU A 62 0.05 31.92 -20.10
CA GLU A 62 1.36 32.36 -19.56
C GLU A 62 1.44 32.04 -18.07
N GLU A 63 0.30 32.13 -17.36
CA GLU A 63 0.16 31.77 -15.92
C GLU A 63 0.27 30.24 -15.77
N LEU A 64 -0.22 29.49 -16.75
CA LEU A 64 -0.07 28.02 -16.87
C LEU A 64 1.40 27.67 -17.06
N LYS A 65 2.09 28.40 -17.94
CA LYS A 65 3.54 28.22 -18.25
C LYS A 65 4.38 28.61 -17.02
N GLN A 66 3.91 29.58 -16.22
CA GLN A 66 4.59 30.01 -14.97
C GLN A 66 4.59 28.84 -13.97
N GLN A 67 3.42 28.23 -13.73
CA GLN A 67 3.23 27.09 -12.79
C GLN A 67 4.08 25.89 -13.25
N PHE A 68 4.22 25.70 -14.57
CA PHE A 68 5.05 24.64 -15.20
C PHE A 68 6.53 24.86 -14.85
N ASP A 69 7.04 26.06 -15.14
CA ASP A 69 8.46 26.45 -14.89
C ASP A 69 8.72 26.45 -13.38
N GLN A 70 7.74 26.94 -12.60
CA GLN A 70 7.83 27.04 -11.12
C GLN A 70 7.98 25.64 -10.53
N GLU A 71 7.15 24.68 -10.97
CA GLU A 71 7.17 23.27 -10.48
C GLU A 71 8.52 22.63 -10.83
N ILE A 72 9.02 22.84 -12.05
CA ILE A 72 10.34 22.31 -12.51
C ILE A 72 11.46 22.93 -11.65
N LYS A 73 11.43 24.26 -11.47
CA LYS A 73 12.45 25.00 -10.67
C LYS A 73 12.53 24.41 -9.27
N VAL A 74 11.39 24.18 -8.63
CA VAL A 74 11.27 23.74 -7.20
C VAL A 74 11.62 22.25 -7.08
N MET A 75 11.16 21.41 -8.01
CA MET A 75 11.08 19.93 -7.81
C MET A 75 12.13 19.17 -8.63
N ALA A 76 12.68 19.75 -9.69
CA ALA A 76 13.61 19.08 -10.64
C ALA A 76 14.55 18.12 -9.90
N LYS A 77 15.24 18.60 -8.87
CA LYS A 77 16.35 17.89 -8.16
C LYS A 77 15.93 17.53 -6.73
N CYS A 78 14.62 17.51 -6.44
CA CYS A 78 14.06 17.22 -5.09
C CYS A 78 13.87 15.71 -4.92
N GLN A 79 14.37 15.18 -3.81
CA GLN A 79 14.14 13.78 -3.37
C GLN A 79 13.94 13.78 -1.86
N HIS A 80 12.69 13.91 -1.43
CA HIS A 80 12.25 13.74 -0.02
C HIS A 80 11.28 12.55 0.04
N GLU A 81 11.33 11.79 1.14
CA GLU A 81 10.49 10.59 1.42
C GLU A 81 9.01 10.95 1.22
N ASN A 82 8.61 12.17 1.61
CA ASN A 82 7.19 12.60 1.73
C ASN A 82 6.87 13.72 0.73
N LEU A 83 7.61 13.79 -0.39
CA LEU A 83 7.28 14.65 -1.56
C LEU A 83 7.26 13.77 -2.81
N VAL A 84 6.42 14.11 -3.81
CA VAL A 84 6.38 13.41 -5.12
C VAL A 84 7.70 13.67 -5.85
N GLU A 85 8.12 12.73 -6.69
CA GLU A 85 9.36 12.84 -7.51
C GLU A 85 8.98 13.16 -8.96
N LEU A 86 9.47 14.28 -9.48
CA LEU A 86 9.35 14.69 -10.91
C LEU A 86 10.45 14.00 -11.73
N LEU A 87 10.06 13.24 -12.75
CA LEU A 87 10.98 12.48 -13.65
C LEU A 87 11.37 13.32 -14.86
N GLY A 88 10.59 14.35 -15.18
CA GLY A 88 10.86 15.20 -16.36
C GLY A 88 9.64 15.97 -16.82
N PHE A 89 9.68 16.44 -18.07
CA PHE A 89 8.73 17.41 -18.65
C PHE A 89 8.72 17.25 -20.17
N SER A 90 7.72 17.87 -20.81
CA SER A 90 7.61 18.04 -22.28
C SER A 90 7.03 19.43 -22.57
N SER A 91 7.68 20.19 -23.45
CA SER A 91 7.23 21.53 -23.93
C SER A 91 7.46 21.67 -25.45
N ASP A 92 7.67 20.55 -26.15
CA ASP A 92 8.11 20.52 -27.58
C ASP A 92 6.92 20.18 -28.49
N GLY A 93 5.68 20.24 -27.98
CA GLY A 93 4.47 19.84 -28.73
C GLY A 93 3.26 20.71 -28.37
N ASP A 94 2.07 20.17 -28.61
CA ASP A 94 0.77 20.89 -28.50
C ASP A 94 0.56 21.42 -27.08
N ASP A 95 0.86 20.60 -26.06
CA ASP A 95 0.56 20.88 -24.63
C ASP A 95 1.82 20.74 -23.77
N LEU A 96 1.84 21.41 -22.63
CA LEU A 96 2.88 21.31 -21.57
C LEU A 96 2.61 20.06 -20.72
N CYS A 97 3.63 19.23 -20.48
CA CYS A 97 3.50 17.95 -19.73
C CYS A 97 4.56 17.88 -18.62
N LEU A 98 4.16 17.36 -17.45
CA LEU A 98 5.07 16.99 -16.33
C LEU A 98 4.92 15.48 -16.08
N VAL A 99 6.04 14.79 -15.94
CA VAL A 99 6.11 13.30 -15.75
C VAL A 99 6.62 13.03 -14.33
N TYR A 100 5.93 12.16 -13.59
CA TYR A 100 6.29 11.80 -12.20
C TYR A 100 6.40 10.27 -12.05
N VAL A 101 7.09 9.85 -11.01
CA VAL A 101 7.03 8.46 -10.46
C VAL A 101 5.57 8.17 -10.09
N TYR A 102 5.06 7.02 -10.53
CA TYR A 102 3.65 6.60 -10.35
C TYR A 102 3.40 6.30 -8.88
N MET A 103 2.26 6.77 -8.35
CA MET A 103 1.79 6.51 -6.97
C MET A 103 0.60 5.56 -7.04
N PRO A 104 0.83 4.23 -6.90
CA PRO A 104 -0.19 3.23 -7.19
C PRO A 104 -1.53 3.44 -6.45
N ASN A 105 -1.48 3.99 -5.24
CA ASN A 105 -2.63 4.10 -4.31
C ASN A 105 -3.25 5.50 -4.40
N GLY A 106 -2.91 6.28 -5.43
CA GLY A 106 -3.57 7.55 -5.78
C GLY A 106 -3.60 8.54 -4.62
N SER A 107 -4.67 9.33 -4.54
CA SER A 107 -4.80 10.48 -3.61
C SER A 107 -5.41 10.02 -2.28
N LEU A 108 -5.03 10.67 -1.18
CA LEU A 108 -5.66 10.49 0.16
C LEU A 108 -7.17 10.74 0.04
N LEU A 109 -7.57 11.75 -0.75
CA LEU A 109 -9.01 12.08 -0.98
C LEU A 109 -9.72 10.80 -1.46
N ASP A 110 -9.19 10.19 -2.52
CA ASP A 110 -9.81 9.04 -3.22
C ASP A 110 -9.88 7.83 -2.27
N ARG A 111 -8.86 7.59 -1.45
CA ARG A 111 -8.80 6.42 -0.54
C ARG A 111 -9.73 6.66 0.66
N LEU A 112 -9.87 7.91 1.09
CA LEU A 112 -10.79 8.27 2.20
C LEU A 112 -12.24 8.06 1.75
N SER A 113 -12.52 8.29 0.47
CA SER A 113 -13.87 8.11 -0.14
C SER A 113 -14.07 6.68 -0.63
N CYS A 114 -13.00 5.87 -0.65
CA CYS A 114 -12.97 4.47 -1.14
C CYS A 114 -13.35 4.43 -2.62
N LEU A 115 -12.90 5.42 -3.40
CA LEU A 115 -13.13 5.51 -4.86
C LEU A 115 -12.74 4.17 -5.52
N ASP A 116 -13.60 3.65 -6.39
CA ASP A 116 -13.37 2.43 -7.22
C ASP A 116 -13.41 1.17 -6.36
N GLY A 117 -13.94 1.25 -5.13
CA GLY A 117 -14.18 0.09 -4.26
C GLY A 117 -12.95 -0.33 -3.47
N THR A 118 -11.99 0.58 -3.27
CA THR A 118 -10.79 0.31 -2.45
C THR A 118 -11.25 0.17 -1.00
N PRO A 119 -10.61 -0.71 -0.19
CA PRO A 119 -10.99 -0.87 1.22
C PRO A 119 -10.65 0.37 2.03
N PRO A 120 -11.48 0.75 3.03
CA PRO A 120 -11.22 1.94 3.83
C PRO A 120 -9.88 1.85 4.56
N LEU A 121 -9.19 2.99 4.72
CA LEU A 121 -7.90 3.07 5.43
C LEU A 121 -8.14 2.90 6.94
N SER A 122 -7.35 2.04 7.57
CA SER A 122 -7.34 1.80 9.04
C SER A 122 -6.82 3.07 9.74
N TRP A 123 -7.18 3.25 11.01
CA TRP A 123 -6.68 4.37 11.86
C TRP A 123 -5.15 4.33 11.88
N HIS A 124 -4.58 3.13 11.94
CA HIS A 124 -3.11 2.91 11.91
C HIS A 124 -2.53 3.56 10.65
N MET A 125 -3.05 3.21 9.47
CA MET A 125 -2.56 3.75 8.16
CA MET A 125 -2.52 3.76 8.19
C MET A 125 -2.73 5.28 8.16
N ARG A 126 -3.86 5.75 8.70
CA ARG A 126 -4.22 7.21 8.71
C ARG A 126 -3.19 8.01 9.51
N CYS A 127 -2.83 7.53 10.71
CA CYS A 127 -1.85 8.19 11.62
C CYS A 127 -0.49 8.31 10.91
N LYS A 128 -0.04 7.23 10.26
CA LYS A 128 1.24 7.20 9.50
C LYS A 128 1.17 8.17 8.33
N ILE A 129 0.01 8.28 7.69
CA ILE A 129 -0.21 9.21 6.53
C ILE A 129 -0.12 10.65 7.03
N ALA A 130 -0.73 10.96 8.19
CA ALA A 130 -0.75 12.31 8.79
C ALA A 130 0.69 12.74 9.14
N GLN A 131 1.44 11.88 9.82
CA GLN A 131 2.88 12.07 10.17
C GLN A 131 3.70 12.28 8.90
N GLY A 132 3.47 11.46 7.87
CA GLY A 132 4.13 11.57 6.55
C GLY A 132 3.91 12.92 5.91
N ALA A 133 2.65 13.33 5.72
CA ALA A 133 2.27 14.60 5.08
C ALA A 133 2.95 15.77 5.81
N ALA A 134 2.88 15.79 7.14
CA ALA A 134 3.46 16.85 8.02
C ALA A 134 4.97 16.93 7.80
N ASN A 135 5.64 15.78 7.78
CA ASN A 135 7.10 15.68 7.52
C ASN A 135 7.39 16.29 6.14
N GLY A 136 6.51 16.05 5.16
CA GLY A 136 6.61 16.62 3.81
C GLY A 136 6.48 18.13 3.84
N ILE A 137 5.55 18.64 4.65
CA ILE A 137 5.29 20.10 4.78
C ILE A 137 6.47 20.73 5.51
N ASN A 138 6.97 20.10 6.58
CA ASN A 138 8.13 20.59 7.36
C ASN A 138 9.31 20.84 6.42
N PHE A 139 9.59 19.89 5.51
CA PHE A 139 10.72 20.00 4.55
C PHE A 139 10.56 21.26 3.70
N LEU A 140 9.35 21.52 3.20
CA LEU A 140 9.04 22.72 2.38
C LEU A 140 9.28 23.99 3.21
N HIS A 141 8.74 24.04 4.42
CA HIS A 141 8.80 25.23 5.32
C HIS A 141 10.24 25.48 5.77
N GLU A 142 11.00 24.43 6.08
CA GLU A 142 12.46 24.49 6.38
C GLU A 142 13.21 25.14 5.21
N ASN A 143 12.82 24.82 3.98
CA ASN A 143 13.45 25.38 2.75
C ASN A 143 12.72 26.65 2.32
N HIS A 144 12.01 27.29 3.25
CA HIS A 144 11.34 28.61 3.05
C HIS A 144 10.49 28.57 1.79
N HIS A 145 9.68 27.50 1.65
CA HIS A 145 8.68 27.32 0.57
C HIS A 145 7.28 27.24 1.20
N ILE A 146 6.31 27.94 0.59
CA ILE A 146 4.87 27.88 0.97
C ILE A 146 4.16 27.09 -0.14
N HIS A 147 3.37 26.09 0.23
CA HIS A 147 2.68 25.19 -0.74
C HIS A 147 1.53 25.96 -1.41
N ARG A 148 0.57 26.45 -0.61
CA ARG A 148 -0.57 27.31 -1.03
C ARG A 148 -1.76 26.48 -1.55
N ASP A 149 -1.70 25.16 -1.48
CA ASP A 149 -2.82 24.28 -1.93
C ASP A 149 -2.71 22.90 -1.25
N ILE A 150 -2.46 22.89 0.05
CA ILE A 150 -2.48 21.66 0.88
C ILE A 150 -3.95 21.20 0.97
N LYS A 151 -4.19 19.94 0.58
CA LYS A 151 -5.51 19.26 0.61
C LYS A 151 -5.31 17.78 0.32
N SER A 152 -6.35 16.96 0.50
CA SER A 152 -6.30 15.49 0.41
C SER A 152 -6.04 15.05 -1.03
N ALA A 153 -6.47 15.83 -2.02
CA ALA A 153 -6.22 15.57 -3.46
C ALA A 153 -4.73 15.80 -3.80
N ASN A 154 -4.01 16.59 -3.01
CA ASN A 154 -2.56 16.89 -3.23
C ASN A 154 -1.71 16.10 -2.23
N ILE A 155 -2.25 15.05 -1.61
CA ILE A 155 -1.48 14.05 -0.84
C ILE A 155 -1.63 12.70 -1.54
N LEU A 156 -0.53 12.19 -2.11
CA LEU A 156 -0.53 10.92 -2.87
C LEU A 156 0.10 9.83 -2.02
N LEU A 157 -0.15 8.57 -2.41
CA LEU A 157 0.16 7.37 -1.60
C LEU A 157 0.88 6.36 -2.50
N ASP A 158 2.07 5.93 -2.08
CA ASP A 158 2.96 5.02 -2.85
C ASP A 158 2.56 3.58 -2.53
N GLU A 159 3.42 2.63 -2.88
CA GLU A 159 3.20 1.16 -2.77
C GLU A 159 3.07 0.73 -1.30
N ALA A 160 3.55 1.55 -0.35
CA ALA A 160 3.48 1.24 1.10
C ALA A 160 2.54 2.23 1.80
N PHE A 161 1.75 2.99 1.04
CA PHE A 161 0.82 4.04 1.52
C PHE A 161 1.60 5.13 2.28
N THR A 162 2.84 5.39 1.86
CA THR A 162 3.64 6.58 2.31
C THR A 162 3.04 7.82 1.66
N ALA A 163 2.77 8.85 2.46
CA ALA A 163 2.22 10.15 2.03
C ALA A 163 3.28 10.94 1.24
N LYS A 164 2.93 11.39 0.03
CA LYS A 164 3.77 12.29 -0.83
C LYS A 164 2.96 13.54 -1.17
N ILE A 165 3.46 14.72 -0.83
CA ILE A 165 2.81 16.02 -1.18
C ILE A 165 3.06 16.25 -2.68
N SER A 166 2.04 16.73 -3.40
CA SER A 166 2.09 16.99 -4.86
C SER A 166 1.58 18.41 -5.17
N ASP A 167 1.76 18.85 -6.42
CA ASP A 167 1.29 20.16 -6.98
C ASP A 167 2.09 21.31 -6.36
N PHE A 168 3.12 21.79 -7.06
CA PHE A 168 4.00 22.91 -6.62
C PHE A 168 3.98 24.03 -7.67
N GLY A 169 2.95 24.06 -8.52
CA GLY A 169 2.73 25.13 -9.53
C GLY A 169 2.61 26.49 -8.86
N LEU A 170 1.97 26.54 -7.68
CA LEU A 170 1.68 27.78 -6.92
C LEU A 170 2.71 27.98 -5.79
N ALA A 171 3.60 27.01 -5.56
CA ALA A 171 4.59 27.02 -4.45
C ALA A 171 5.36 28.34 -4.46
N ARG A 172 5.68 28.86 -3.27
CA ARG A 172 6.27 30.21 -3.08
C ARG A 172 7.20 30.21 -1.86
N THR A 180 2.06 38.06 5.49
CA THR A 180 3.49 38.46 5.40
C THR A 180 3.73 39.12 4.04
N VAL A 181 3.69 38.34 2.95
CA VAL A 181 3.64 38.83 1.54
C VAL A 181 2.16 38.94 1.13
N MET A 182 1.83 39.85 0.22
CA MET A 182 0.44 40.08 -0.28
C MET A 182 0.42 39.89 -1.79
N TPO A 183 -0.68 39.33 -2.31
CA TPO A 183 -0.87 39.12 -3.75
CB TPO A 183 -0.53 37.68 -4.15
CG2 TPO A 183 -1.56 36.66 -3.69
OG1 TPO A 183 -0.48 37.61 -5.61
P TPO A 183 0.91 37.62 -6.46
O1P TPO A 183 0.90 36.34 -7.29
O2P TPO A 183 0.87 38.87 -7.31
O3P TPO A 183 2.02 37.63 -5.43
C TPO A 183 -2.29 39.51 -4.13
O TPO A 183 -3.21 39.41 -3.32
N SEP A 184 -2.46 39.94 -5.39
CA SEP A 184 -3.76 40.29 -5.94
CB SEP A 184 -3.63 41.46 -6.89
OG SEP A 184 -2.55 41.21 -7.82
C SEP A 184 -4.41 39.08 -6.60
O SEP A 184 -5.63 38.96 -6.59
P SEP A 184 -1.96 42.44 -8.70
O1P SEP A 184 -0.91 41.83 -9.61
O2P SEP A 184 -3.16 42.99 -9.46
O3P SEP A 184 -1.38 43.42 -7.70
N ARG A 185 -3.59 38.20 -7.19
CA ARG A 185 -4.05 36.91 -7.70
C ARG A 185 -4.21 35.95 -6.51
N ILE A 186 -5.44 35.76 -6.04
CA ILE A 186 -5.78 34.95 -4.84
C ILE A 186 -6.21 33.54 -5.30
N VAL A 187 -5.29 32.59 -5.27
CA VAL A 187 -5.45 31.21 -5.83
C VAL A 187 -5.37 30.18 -4.69
N GLY A 188 -6.03 29.03 -4.86
CA GLY A 188 -6.15 27.96 -3.86
C GLY A 188 -7.50 27.26 -3.94
N THR A 189 -7.80 26.39 -2.98
CA THR A 189 -9.08 25.63 -2.90
C THR A 189 -9.87 26.16 -1.69
N THR A 190 -10.99 26.82 -1.96
CA THR A 190 -11.72 27.67 -0.98
C THR A 190 -12.14 26.83 0.24
N ALA A 191 -12.47 25.55 0.05
CA ALA A 191 -12.90 24.64 1.14
C ALA A 191 -11.77 24.47 2.17
N TYR A 192 -10.50 24.65 1.75
CA TYR A 192 -9.28 24.39 2.55
C TYR A 192 -8.58 25.67 3.02
N MET A 193 -8.91 26.81 2.41
CA MET A 193 -8.08 28.04 2.49
C MET A 193 -8.28 28.73 3.85
N ALA A 194 -7.17 29.16 4.46
CA ALA A 194 -7.15 30.02 5.66
C ALA A 194 -7.85 31.33 5.32
N PRO A 195 -8.46 32.03 6.31
CA PRO A 195 -9.12 33.30 6.02
C PRO A 195 -8.18 34.34 5.38
N GLU A 196 -6.93 34.42 5.85
CA GLU A 196 -5.94 35.44 5.38
C GLU A 196 -5.48 35.09 3.97
N ALA A 197 -5.49 33.81 3.60
CA ALA A 197 -5.17 33.32 2.23
C ALA A 197 -6.27 33.77 1.27
N LEU A 198 -7.53 33.76 1.72
CA LEU A 198 -8.68 34.24 0.92
C LEU A 198 -8.52 35.76 0.67
N ARG A 199 -7.92 36.49 1.62
CA ARG A 199 -7.68 37.96 1.53
C ARG A 199 -6.42 38.25 0.70
N GLY A 200 -5.62 37.21 0.38
CA GLY A 200 -4.50 37.30 -0.58
C GLY A 200 -3.14 37.27 0.10
N GLU A 201 -3.09 36.98 1.41
CA GLU A 201 -1.81 36.81 2.14
C GLU A 201 -1.12 35.52 1.68
N ILE A 202 0.22 35.54 1.68
CA ILE A 202 1.09 34.38 1.32
C ILE A 202 2.02 34.13 2.53
N THR A 203 1.70 33.13 3.34
CA THR A 203 2.41 32.77 4.59
C THR A 203 2.34 31.26 4.78
N PRO A 204 3.39 30.61 5.33
CA PRO A 204 3.34 29.18 5.63
C PRO A 204 2.24 28.83 6.65
N LYS A 205 1.75 29.83 7.39
CA LYS A 205 0.70 29.65 8.43
C LYS A 205 -0.63 29.27 7.76
N SER A 206 -0.85 29.66 6.50
CA SER A 206 -2.00 29.23 5.67
C SER A 206 -1.94 27.72 5.40
N ASP A 207 -0.75 27.21 5.08
CA ASP A 207 -0.50 25.76 4.85
C ASP A 207 -0.94 24.97 6.08
N ILE A 208 -0.61 25.46 7.28
CA ILE A 208 -0.94 24.80 8.57
C ILE A 208 -2.47 24.69 8.71
N TYR A 209 -3.19 25.77 8.43
CA TYR A 209 -4.67 25.83 8.48
C TYR A 209 -5.26 24.76 7.54
N SER A 210 -4.77 24.74 6.30
CA SER A 210 -5.19 23.78 5.25
C SER A 210 -4.92 22.34 5.73
N PHE A 211 -3.79 22.11 6.42
CA PHE A 211 -3.43 20.78 6.96
C PHE A 211 -4.46 20.39 8.04
N GLY A 212 -4.89 21.37 8.84
CA GLY A 212 -5.95 21.18 9.85
C GLY A 212 -7.19 20.56 9.23
N VAL A 213 -7.59 21.05 8.05
CA VAL A 213 -8.77 20.55 7.30
C VAL A 213 -8.49 19.12 6.82
N VAL A 214 -7.26 18.82 6.42
CA VAL A 214 -6.86 17.46 5.96
C VAL A 214 -7.01 16.49 7.14
N LEU A 215 -6.51 16.86 8.32
CA LEU A 215 -6.63 16.02 9.54
C LEU A 215 -8.11 15.75 9.82
N LEU A 216 -8.99 16.73 9.62
CA LEU A 216 -10.46 16.54 9.80
C LEU A 216 -10.97 15.50 8.79
N GLU A 217 -10.55 15.61 7.53
CA GLU A 217 -10.89 14.63 6.46
C GLU A 217 -10.46 13.24 6.92
N ILE A 218 -9.26 13.13 7.51
CA ILE A 218 -8.65 11.84 7.93
C ILE A 218 -9.47 11.25 9.08
N ILE A 219 -9.88 12.08 10.04
CA ILE A 219 -10.66 11.64 11.24
C ILE A 219 -12.06 11.21 10.82
N THR A 220 -12.73 11.99 9.97
CA THR A 220 -14.18 11.89 9.68
C THR A 220 -14.47 11.07 8.41
N GLY A 221 -13.52 11.01 7.48
CA GLY A 221 -13.71 10.39 6.15
C GLY A 221 -14.59 11.25 5.24
N LEU A 222 -14.92 12.47 5.65
CA LEU A 222 -15.82 13.38 4.91
C LEU A 222 -14.98 14.31 4.04
N PRO A 223 -15.45 14.67 2.82
CA PRO A 223 -14.79 15.71 2.02
C PRO A 223 -14.88 17.09 2.70
N ALA A 224 -13.92 17.96 2.41
CA ALA A 224 -13.84 19.35 2.92
C ALA A 224 -15.14 20.11 2.58
N VAL A 225 -15.65 19.91 1.36
CA VAL A 225 -16.94 20.50 0.89
C VAL A 225 -17.82 19.36 0.37
N ASP A 226 -19.12 19.43 0.68
CA ASP A 226 -20.18 18.54 0.14
C ASP A 226 -21.44 19.40 -0.01
N GLU A 227 -21.83 19.72 -1.25
CA GLU A 227 -22.95 20.65 -1.56
C GLU A 227 -24.27 20.07 -1.03
N HIS A 228 -24.36 18.75 -0.87
CA HIS A 228 -25.60 18.04 -0.44
C HIS A 228 -25.61 17.85 1.08
N ARG A 229 -24.63 18.42 1.79
CA ARG A 229 -24.42 18.19 3.24
C ARG A 229 -24.77 19.45 4.03
N GLU A 230 -25.24 19.25 5.27
CA GLU A 230 -25.46 20.32 6.28
C GLU A 230 -24.55 20.00 7.47
N PRO A 231 -23.54 20.84 7.80
CA PRO A 231 -23.13 21.96 6.96
C PRO A 231 -22.29 21.49 5.77
N GLN A 232 -22.17 22.35 4.75
CA GLN A 232 -21.50 22.04 3.46
C GLN A 232 -19.98 21.99 3.64
N LEU A 233 -19.43 22.85 4.51
CA LEU A 233 -17.96 22.96 4.75
C LEU A 233 -17.60 22.19 6.02
N LEU A 234 -16.53 21.39 5.95
CA LEU A 234 -16.06 20.49 7.04
C LEU A 234 -15.55 21.33 8.21
N LEU A 235 -15.02 22.53 7.95
CA LEU A 235 -14.46 23.40 9.03
C LEU A 235 -15.60 23.98 9.89
N ASP A 236 -16.84 24.03 9.38
CA ASP A 236 -18.04 24.43 10.17
C ASP A 236 -18.43 23.31 11.14
N ILE A 237 -18.22 22.04 10.77
CA ILE A 237 -18.44 20.87 11.69
C ILE A 237 -17.49 21.01 12.89
N ALA A 238 -16.24 21.41 12.63
CA ALA A 238 -15.20 21.65 13.66
C ALA A 238 -15.63 22.79 14.59
N ALA A 239 -16.19 23.88 14.04
CA ALA A 239 -16.67 25.05 14.79
C ALA A 239 -17.82 24.61 15.72
N ALA A 240 -18.79 23.89 15.17
CA ALA A 240 -19.97 23.35 15.88
C ALA A 240 -19.54 22.44 17.03
N ILE A 241 -18.48 21.65 16.84
CA ILE A 241 -17.91 20.78 17.91
C ILE A 241 -17.38 21.68 19.03
N GLU A 242 -16.59 22.71 18.69
CA GLU A 242 -15.97 23.64 19.66
C GLU A 242 -17.04 24.43 20.42
N ASP A 243 -18.19 24.70 19.78
CA ASP A 243 -19.36 25.42 20.40
C ASP A 243 -20.30 24.40 21.05
N GLU A 244 -19.91 23.12 21.07
CA GLU A 244 -20.58 22.00 21.79
C GLU A 244 -21.98 21.73 21.21
N GLU A 245 -22.24 22.18 19.98
CA GLU A 245 -23.48 21.87 19.22
C GLU A 245 -23.38 20.45 18.66
N LYS A 246 -22.14 19.94 18.51
CA LYS A 246 -21.82 18.58 18.01
C LYS A 246 -20.65 18.01 18.82
N THR A 247 -20.28 16.75 18.58
CA THR A 247 -19.13 16.06 19.22
C THR A 247 -18.29 15.34 18.16
N ILE A 248 -16.97 15.24 18.38
CA ILE A 248 -16.03 14.52 17.49
C ILE A 248 -16.46 13.06 17.36
N GLU A 249 -16.88 12.41 18.45
CA GLU A 249 -17.29 10.97 18.49
C GLU A 249 -18.37 10.70 17.43
N ASP A 250 -19.28 11.66 17.22
CA ASP A 250 -20.42 11.54 16.27
C ASP A 250 -19.91 11.57 14.82
N TYR A 251 -18.72 12.11 14.57
CA TYR A 251 -18.19 12.39 13.21
C TYR A 251 -16.95 11.54 12.90
N ILE A 252 -16.40 10.82 13.88
CA ILE A 252 -15.32 9.81 13.63
C ILE A 252 -15.81 8.89 12.52
N ASP A 253 -15.01 8.71 11.47
CA ASP A 253 -15.30 7.78 10.35
C ASP A 253 -15.65 6.40 10.93
N LYS A 254 -16.85 5.90 10.64
CA LYS A 254 -17.35 4.57 11.10
C LYS A 254 -16.69 3.43 10.30
N LYS A 255 -16.00 3.74 9.20
CA LYS A 255 -15.35 2.75 8.30
C LYS A 255 -13.95 2.37 8.82
N MET A 256 -13.81 2.26 10.15
CA MET A 256 -12.57 1.82 10.86
C MET A 256 -13.00 0.94 12.03
N ASN A 257 -12.18 -0.05 12.40
CA ASN A 257 -12.43 -0.95 13.57
C ASN A 257 -11.32 -0.77 14.61
N ASP A 258 -10.28 0.03 14.32
CA ASP A 258 -9.02 0.09 15.09
C ASP A 258 -8.75 1.52 15.60
N ALA A 259 -9.78 2.36 15.68
CA ALA A 259 -9.68 3.78 16.12
C ALA A 259 -10.06 3.87 17.60
N ASP A 260 -9.14 4.34 18.45
CA ASP A 260 -9.39 4.56 19.90
C ASP A 260 -9.60 6.07 20.13
N SER A 261 -10.53 6.43 21.02
CA SER A 261 -10.97 7.81 21.33
C SER A 261 -9.77 8.70 21.67
N THR A 262 -8.79 8.18 22.42
CA THR A 262 -7.61 8.95 22.89
C THR A 262 -6.83 9.50 21.69
N SER A 263 -6.36 8.63 20.79
CA SER A 263 -5.50 9.02 19.64
C SER A 263 -6.31 9.86 18.63
N VAL A 264 -7.59 9.54 18.44
CA VAL A 264 -8.52 10.31 17.57
C VAL A 264 -8.63 11.75 18.10
N GLU A 265 -8.89 11.90 19.40
CA GLU A 265 -9.09 13.22 20.06
C GLU A 265 -7.75 13.98 20.10
N ALA A 266 -6.64 13.25 20.20
CA ALA A 266 -5.27 13.81 20.11
C ALA A 266 -5.06 14.43 18.72
N MET A 267 -5.46 13.73 17.65
CA MET A 267 -5.35 14.24 16.26
C MET A 267 -6.31 15.42 16.09
N TYR A 268 -7.54 15.31 16.61
CA TYR A 268 -8.54 16.40 16.53
C TYR A 268 -7.98 17.65 17.20
N SER A 269 -7.28 17.47 18.31
CA SER A 269 -6.65 18.56 19.11
C SER A 269 -5.67 19.33 18.20
N VAL A 270 -4.83 18.61 17.44
CA VAL A 270 -3.83 19.20 16.51
C VAL A 270 -4.58 19.94 15.40
N ALA A 271 -5.61 19.33 14.82
CA ALA A 271 -6.47 19.93 13.77
C ALA A 271 -7.04 21.25 14.30
N SER A 272 -7.59 21.22 15.51
CA SER A 272 -8.32 22.36 16.15
C SER A 272 -7.36 23.53 16.35
N GLN A 273 -6.12 23.25 16.76
CA GLN A 273 -5.03 24.25 16.93
C GLN A 273 -4.64 24.82 15.56
N CYS A 274 -4.54 23.95 14.53
CA CYS A 274 -4.21 24.35 13.13
C CYS A 274 -5.29 25.29 12.58
N LEU A 275 -6.56 25.10 12.98
CA LEU A 275 -7.74 25.82 12.41
C LEU A 275 -8.10 27.08 13.22
N HIS A 276 -7.25 27.51 14.15
CA HIS A 276 -7.33 28.87 14.77
C HIS A 276 -7.41 29.90 13.64
N GLU A 277 -8.46 30.74 13.64
CA GLU A 277 -8.76 31.69 12.53
C GLU A 277 -7.71 32.81 12.52
N LYS A 278 -7.12 33.13 13.68
CA LYS A 278 -5.97 34.06 13.81
C LYS A 278 -4.69 33.25 13.61
N LYS A 279 -3.96 33.55 12.53
CA LYS A 279 -2.82 32.74 12.01
C LYS A 279 -1.72 32.60 13.08
N ASN A 280 -1.55 33.62 13.93
CA ASN A 280 -0.42 33.71 14.90
C ASN A 280 -0.68 32.79 16.10
N LYS A 281 -1.95 32.40 16.32
CA LYS A 281 -2.33 31.42 17.37
C LYS A 281 -2.02 29.98 16.91
N ARG A 282 -1.85 29.74 15.62
CA ARG A 282 -1.64 28.37 15.05
C ARG A 282 -0.25 27.87 15.40
N PRO A 283 -0.06 26.55 15.61
CA PRO A 283 1.28 25.97 15.74
C PRO A 283 2.05 26.03 14.41
N ASP A 284 3.38 26.07 14.48
CA ASP A 284 4.26 25.88 13.28
C ASP A 284 4.33 24.37 12.99
N ILE A 285 4.86 24.00 11.83
CA ILE A 285 4.85 22.60 11.31
C ILE A 285 5.65 21.69 12.25
N LYS A 286 6.77 22.18 12.81
CA LYS A 286 7.59 21.45 13.81
C LYS A 286 6.72 21.01 14.99
N LYS A 287 5.86 21.90 15.49
CA LYS A 287 4.98 21.64 16.64
C LYS A 287 3.89 20.64 16.24
N VAL A 288 3.39 20.73 15.01
CA VAL A 288 2.40 19.75 14.44
C VAL A 288 3.06 18.37 14.40
N GLN A 289 4.31 18.29 13.90
CA GLN A 289 5.06 17.01 13.77
C GLN A 289 5.18 16.35 15.16
N GLN A 290 5.62 17.12 16.16
CA GLN A 290 5.85 16.66 17.56
C GLN A 290 4.54 16.11 18.14
N LEU A 291 3.44 16.87 18.01
CA LEU A 291 2.14 16.50 18.61
C LEU A 291 1.61 15.22 17.94
N LEU A 292 1.82 15.07 16.63
CA LEU A 292 1.40 13.86 15.86
C LEU A 292 2.30 12.68 16.22
N GLN A 293 3.55 12.95 16.63
CA GLN A 293 4.49 11.91 17.14
C GLN A 293 3.97 11.39 18.48
N GLU A 294 3.68 12.31 19.42
CA GLU A 294 3.25 11.99 20.80
C GLU A 294 1.90 11.23 20.77
N MET A 295 1.10 11.47 19.74
CA MET A 295 -0.19 10.79 19.48
C MET A 295 0.00 9.27 19.38
N THR A 296 1.11 8.82 18.77
CA THR A 296 1.45 7.38 18.58
C THR A 296 2.58 6.97 19.53
N ALA A 297 2.45 7.29 20.82
CA ALA A 297 3.46 7.00 21.87
C ALA A 297 2.76 6.82 23.23
N PHE B 3 8.51 1.02 15.93
CA PHE B 3 7.79 -0.18 16.43
C PHE B 3 7.58 -0.05 17.95
N HIS B 4 6.32 -0.09 18.40
CA HIS B 4 5.92 0.03 19.83
C HIS B 4 6.53 -1.11 20.64
N SER B 5 7.23 -0.79 21.73
CA SER B 5 7.85 -1.75 22.68
C SER B 5 6.78 -2.28 23.64
N PHE B 6 6.70 -3.60 23.79
CA PHE B 6 5.74 -4.31 24.68
C PHE B 6 6.50 -5.07 25.77
N SER B 7 5.98 -5.03 27.01
CA SER B 7 6.34 -5.97 28.10
C SER B 7 5.38 -7.16 28.03
N PHE B 8 5.78 -8.30 28.60
CA PHE B 8 5.12 -9.62 28.43
C PHE B 8 3.66 -9.55 28.86
N TYR B 9 3.36 -9.00 30.05
CA TYR B 9 2.03 -9.02 30.71
C TYR B 9 0.98 -8.47 29.74
N GLU B 10 1.30 -7.36 29.06
CA GLU B 10 0.44 -6.74 28.03
C GLU B 10 0.00 -7.83 27.04
N LEU B 11 0.97 -8.51 26.43
CA LEU B 11 0.78 -9.55 25.38
C LEU B 11 0.19 -10.81 26.00
N LYS B 12 0.56 -11.11 27.26
CA LYS B 12 0.03 -12.26 28.04
C LYS B 12 -1.48 -12.08 28.22
N ASN B 13 -1.90 -10.86 28.56
CA ASN B 13 -3.29 -10.48 28.89
C ASN B 13 -4.17 -10.56 27.63
N VAL B 14 -3.71 -9.99 26.52
CA VAL B 14 -4.50 -9.84 25.25
C VAL B 14 -4.75 -11.21 24.60
N THR B 15 -3.88 -12.21 24.85
CA THR B 15 -3.88 -13.53 24.17
C THR B 15 -4.47 -14.63 25.07
N ASN B 16 -5.29 -14.27 26.06
CA ASN B 16 -5.81 -15.20 27.10
C ASN B 16 -4.66 -16.06 27.63
N ASN B 17 -3.61 -15.41 28.16
CA ASN B 17 -2.44 -16.07 28.80
C ASN B 17 -1.76 -17.00 27.79
N PHE B 18 -1.70 -16.57 26.52
CA PHE B 18 -1.10 -17.31 25.38
C PHE B 18 -1.76 -18.69 25.25
N ASP B 19 -3.10 -18.70 25.21
CA ASP B 19 -3.95 -19.91 25.09
C ASP B 19 -3.53 -20.69 23.83
N GLU B 20 -2.81 -21.80 24.02
CA GLU B 20 -2.11 -22.56 22.93
C GLU B 20 -3.09 -23.44 22.14
N ARG B 21 -4.36 -23.50 22.54
CA ARG B 21 -5.44 -24.23 21.82
C ARG B 21 -5.87 -23.38 20.62
N PRO B 22 -6.31 -23.98 19.49
CA PRO B 22 -6.83 -23.20 18.36
C PRO B 22 -8.14 -22.45 18.70
N ILE B 23 -8.51 -21.46 17.87
CA ILE B 23 -9.74 -20.61 18.01
C ILE B 23 -10.97 -21.52 17.99
N SER B 24 -10.93 -22.59 17.18
CA SER B 24 -12.03 -23.57 16.97
C SER B 24 -12.43 -24.25 18.29
N VAL B 25 -11.47 -24.68 19.10
CA VAL B 25 -11.70 -25.43 20.38
C VAL B 25 -11.62 -24.47 21.58
N GLY B 26 -11.62 -23.15 21.33
CA GLY B 26 -11.80 -22.10 22.35
C GLY B 26 -10.49 -21.48 22.83
N GLY B 27 -9.47 -21.46 21.97
CA GLY B 27 -8.15 -20.86 22.27
C GLY B 27 -7.88 -19.61 21.45
N ASN B 28 -6.61 -19.18 21.38
CA ASN B 28 -6.15 -17.95 20.69
C ASN B 28 -5.12 -18.27 19.61
N LYS B 29 -4.70 -19.54 19.46
CA LYS B 29 -3.72 -19.97 18.43
C LYS B 29 -4.40 -19.97 17.06
N MET B 30 -3.85 -19.21 16.11
CA MET B 30 -4.36 -19.09 14.72
C MET B 30 -3.57 -20.01 13.79
N GLY B 31 -2.29 -20.27 14.10
CA GLY B 31 -1.40 -21.12 13.30
C GLY B 31 -0.16 -21.52 14.08
N GLU B 32 0.69 -22.36 13.48
CA GLU B 32 1.87 -22.99 14.13
C GLU B 32 2.82 -23.48 13.05
N GLY B 33 4.12 -23.23 13.22
CA GLY B 33 5.20 -23.75 12.35
C GLY B 33 6.38 -24.22 13.18
N GLY B 34 7.60 -24.03 12.66
CA GLY B 34 8.87 -24.22 13.40
C GLY B 34 9.29 -22.94 14.10
N PHE B 35 9.11 -21.80 13.44
CA PHE B 35 9.40 -20.43 13.95
C PHE B 35 8.79 -20.22 15.34
N GLY B 36 7.59 -20.76 15.59
CA GLY B 36 6.88 -20.63 16.87
C GLY B 36 5.37 -20.75 16.70
N VAL B 37 4.61 -20.05 17.55
CA VAL B 37 3.13 -20.09 17.60
C VAL B 37 2.58 -18.67 17.37
N VAL B 38 1.48 -18.55 16.63
CA VAL B 38 0.83 -17.25 16.28
C VAL B 38 -0.53 -17.18 16.98
N TYR B 39 -0.73 -16.17 17.84
CA TYR B 39 -1.97 -15.97 18.64
C TYR B 39 -2.69 -14.70 18.20
N LYS B 40 -4.02 -14.75 18.19
CA LYS B 40 -4.92 -13.57 18.04
C LYS B 40 -4.89 -12.77 19.34
N GLY B 41 -4.78 -11.45 19.24
CA GLY B 41 -4.80 -10.50 20.38
C GLY B 41 -5.59 -9.25 20.06
N TYR B 42 -6.00 -8.50 21.08
CA TYR B 42 -6.72 -7.20 20.99
C TYR B 42 -5.95 -6.15 21.78
N VAL B 43 -5.16 -5.31 21.10
CA VAL B 43 -4.39 -4.18 21.70
C VAL B 43 -5.09 -2.87 21.35
N ASN B 44 -6.10 -2.49 22.13
CA ASN B 44 -6.70 -1.12 22.14
C ASN B 44 -7.58 -0.94 20.90
N ASN B 45 -8.60 -1.77 20.73
CA ASN B 45 -9.53 -1.77 19.57
C ASN B 45 -8.83 -2.35 18.32
N THR B 46 -7.50 -2.47 18.34
CA THR B 46 -6.69 -3.07 17.23
C THR B 46 -6.55 -4.59 17.45
N THR B 47 -7.19 -5.40 16.60
CA THR B 47 -6.93 -6.85 16.50
C THR B 47 -5.51 -7.03 15.96
N VAL B 48 -4.69 -7.83 16.65
CA VAL B 48 -3.25 -8.03 16.30
C VAL B 48 -2.97 -9.54 16.23
N ALA B 49 -1.87 -9.90 15.55
CA ALA B 49 -1.29 -11.26 15.51
C ALA B 49 0.00 -11.23 16.32
N VAL B 50 0.15 -12.13 17.29
CA VAL B 50 1.33 -12.18 18.19
C VAL B 50 2.09 -13.47 17.90
N LYS B 51 3.33 -13.36 17.40
CA LYS B 51 4.24 -14.51 17.19
C LYS B 51 5.12 -14.66 18.44
N LYS B 52 4.84 -15.69 19.24
CA LYS B 52 5.72 -16.17 20.33
C LYS B 52 6.72 -17.16 19.70
N LEU B 53 7.99 -16.77 19.62
CA LEU B 53 9.07 -17.56 18.95
C LEU B 53 9.36 -18.83 19.77
N ALA B 54 9.75 -19.91 19.09
CA ALA B 54 10.04 -21.24 19.67
C ALA B 54 11.55 -21.42 19.88
N ALA B 55 11.92 -22.35 20.76
CA ALA B 55 13.31 -22.67 21.16
C ALA B 55 13.57 -24.17 20.98
N LEU B 64 18.92 -17.00 18.79
CA LEU B 64 17.66 -16.58 18.12
C LEU B 64 17.26 -15.16 18.57
N LYS B 65 17.88 -14.62 19.61
CA LYS B 65 17.80 -13.19 20.02
C LYS B 65 18.44 -12.32 18.93
N GLN B 66 19.51 -12.83 18.31
CA GLN B 66 20.16 -12.23 17.11
C GLN B 66 19.19 -12.33 15.92
N GLN B 67 18.47 -13.45 15.79
CA GLN B 67 17.44 -13.70 14.75
C GLN B 67 16.27 -12.72 14.92
N PHE B 68 15.99 -12.32 16.17
CA PHE B 68 14.93 -11.34 16.53
C PHE B 68 15.14 -10.06 15.72
N ASP B 69 16.29 -9.39 15.91
CA ASP B 69 16.61 -8.08 15.29
C ASP B 69 16.79 -8.23 13.77
N GLN B 70 17.16 -9.43 13.30
CA GLN B 70 17.30 -9.74 11.85
C GLN B 70 15.95 -9.47 11.16
N GLU B 71 14.88 -10.15 11.60
CA GLU B 71 13.52 -9.98 11.03
C GLU B 71 13.01 -8.56 11.32
N ILE B 72 13.27 -8.03 12.51
CA ILE B 72 12.82 -6.66 12.92
C ILE B 72 13.42 -5.63 11.97
N LYS B 73 14.70 -5.77 11.59
CA LYS B 73 15.39 -4.82 10.68
C LYS B 73 15.02 -5.14 9.22
N VAL B 74 14.63 -6.38 8.90
CA VAL B 74 14.01 -6.73 7.59
C VAL B 74 12.68 -5.98 7.48
N MET B 75 11.83 -6.05 8.51
CA MET B 75 10.49 -5.39 8.56
C MET B 75 10.67 -3.87 8.60
N ALA B 76 11.80 -3.39 9.12
CA ALA B 76 12.15 -1.95 9.24
C ALA B 76 12.39 -1.35 7.85
N LYS B 77 13.13 -2.07 6.98
CA LYS B 77 13.51 -1.61 5.62
C LYS B 77 12.43 -2.04 4.61
N CYS B 78 11.77 -3.17 4.84
CA CYS B 78 10.83 -3.80 3.88
C CYS B 78 9.37 -3.47 4.24
N GLN B 79 8.90 -2.33 3.72
CA GLN B 79 7.50 -1.83 3.86
C GLN B 79 6.85 -1.84 2.47
N HIS B 80 5.76 -2.59 2.31
CA HIS B 80 5.02 -2.74 1.02
C HIS B 80 3.62 -3.29 1.31
N GLU B 81 2.62 -2.94 0.49
CA GLU B 81 1.18 -3.30 0.71
C GLU B 81 0.98 -4.81 0.57
N ASN B 82 1.84 -5.51 -0.17
CA ASN B 82 1.79 -6.99 -0.37
C ASN B 82 2.80 -7.70 0.54
N LEU B 83 3.23 -7.04 1.63
CA LEU B 83 4.02 -7.65 2.73
C LEU B 83 3.28 -7.43 4.04
N VAL B 84 3.31 -8.40 4.95
CA VAL B 84 2.80 -8.23 6.35
C VAL B 84 3.54 -7.04 6.98
N GLU B 85 2.95 -6.48 8.02
CA GLU B 85 3.47 -5.27 8.70
C GLU B 85 3.68 -5.59 10.19
N LEU B 86 4.91 -5.39 10.67
CA LEU B 86 5.26 -5.48 12.12
C LEU B 86 4.77 -4.21 12.80
N LEU B 87 3.99 -4.35 13.88
CA LEU B 87 3.52 -3.22 14.73
C LEU B 87 4.52 -3.02 15.88
N GLY B 88 4.97 -4.12 16.50
CA GLY B 88 5.83 -4.07 17.69
C GLY B 88 6.50 -5.39 18.00
N PHE B 89 7.01 -5.51 19.22
CA PHE B 89 7.78 -6.68 19.73
C PHE B 89 7.82 -6.63 21.26
N SER B 90 8.20 -7.75 21.89
CA SER B 90 8.45 -7.88 23.35
C SER B 90 9.75 -8.65 23.58
N SER B 91 10.72 -8.02 24.25
CA SER B 91 12.11 -8.52 24.45
C SER B 91 12.34 -8.91 25.92
N ASP B 92 11.28 -9.26 26.65
CA ASP B 92 11.35 -9.74 28.06
C ASP B 92 11.88 -11.17 28.07
N LEU B 96 10.43 -14.07 23.56
CA LEU B 96 10.47 -13.10 22.43
C LEU B 96 9.16 -13.16 21.63
N CYS B 97 8.39 -12.07 21.61
CA CYS B 97 7.10 -11.93 20.89
C CYS B 97 7.22 -10.84 19.80
N LEU B 98 6.67 -11.09 18.61
CA LEU B 98 6.50 -10.10 17.53
C LEU B 98 4.99 -9.87 17.30
N VAL B 99 4.59 -8.60 17.20
CA VAL B 99 3.17 -8.17 17.01
C VAL B 99 3.03 -7.65 15.58
N TYR B 100 1.97 -8.08 14.88
CA TYR B 100 1.70 -7.74 13.46
C TYR B 100 0.28 -7.22 13.32
N VAL B 101 0.04 -6.46 12.24
CA VAL B 101 -1.33 -6.08 11.78
C VAL B 101 -2.04 -7.39 11.42
N TYR B 102 -3.25 -7.59 11.95
CA TYR B 102 -4.08 -8.80 11.81
C TYR B 102 -4.52 -8.96 10.35
N MET B 103 -4.49 -10.18 9.83
CA MET B 103 -5.01 -10.54 8.48
C MET B 103 -6.28 -11.37 8.66
N PRO B 104 -7.48 -10.74 8.63
CA PRO B 104 -8.74 -11.41 8.95
C PRO B 104 -9.07 -12.69 8.16
N ASN B 105 -8.62 -12.80 6.91
CA ASN B 105 -8.95 -13.94 6.01
C ASN B 105 -7.83 -14.98 6.01
N GLY B 106 -6.90 -14.89 6.97
CA GLY B 106 -5.84 -15.88 7.21
C GLY B 106 -4.99 -16.18 5.97
N SER B 107 -4.61 -17.44 5.80
CA SER B 107 -3.62 -17.89 4.79
C SER B 107 -4.36 -18.31 3.51
N LEU B 108 -3.70 -18.13 2.35
CA LEU B 108 -4.16 -18.63 1.04
C LEU B 108 -4.38 -20.14 1.10
N LEU B 109 -3.52 -20.87 1.83
CA LEU B 109 -3.62 -22.35 2.00
C LEU B 109 -5.03 -22.70 2.51
N ASP B 110 -5.45 -22.07 3.61
CA ASP B 110 -6.71 -22.38 4.33
C ASP B 110 -7.92 -21.90 3.51
N ARG B 111 -7.80 -20.83 2.72
CA ARG B 111 -8.93 -20.30 1.90
C ARG B 111 -9.08 -21.16 0.64
N LEU B 112 -7.98 -21.73 0.14
CA LEU B 112 -8.03 -22.69 -1.00
C LEU B 112 -8.71 -23.99 -0.56
N SER B 113 -8.48 -24.43 0.68
CA SER B 113 -9.07 -25.67 1.25
C SER B 113 -10.46 -25.37 1.84
N CYS B 114 -10.85 -24.09 1.93
CA CYS B 114 -12.13 -23.62 2.50
C CYS B 114 -12.25 -24.07 3.96
N LEU B 115 -11.14 -24.00 4.71
CA LEU B 115 -11.06 -24.34 6.15
C LEU B 115 -12.08 -23.51 6.94
N ASP B 116 -12.82 -24.17 7.84
CA ASP B 116 -13.83 -23.54 8.75
C ASP B 116 -15.03 -23.03 7.94
N GLY B 117 -15.23 -23.50 6.71
CA GLY B 117 -16.48 -23.32 5.95
C GLY B 117 -16.52 -22.03 5.15
N THR B 118 -15.39 -21.31 5.05
CA THR B 118 -15.25 -20.09 4.20
C THR B 118 -15.55 -20.48 2.75
N PRO B 119 -16.23 -19.60 1.98
CA PRO B 119 -16.61 -19.93 0.60
C PRO B 119 -15.42 -20.04 -0.34
N PRO B 120 -15.46 -20.91 -1.37
CA PRO B 120 -14.37 -20.98 -2.35
C PRO B 120 -14.00 -19.59 -2.88
N LEU B 121 -12.70 -19.36 -3.15
CA LEU B 121 -12.22 -18.13 -3.83
C LEU B 121 -12.66 -18.17 -5.30
N SER B 122 -13.19 -17.06 -5.81
CA SER B 122 -13.53 -16.88 -7.25
C SER B 122 -12.23 -16.87 -8.07
N TRP B 123 -12.32 -17.17 -9.36
CA TRP B 123 -11.17 -17.07 -10.29
C TRP B 123 -10.69 -15.62 -10.35
N HIS B 124 -11.61 -14.65 -10.38
CA HIS B 124 -11.32 -13.20 -10.35
C HIS B 124 -10.41 -12.90 -9.14
N MET B 125 -10.79 -13.35 -7.95
CA MET B 125 -10.04 -13.08 -6.69
C MET B 125 -8.70 -13.84 -6.70
N ARG B 126 -8.69 -15.07 -7.22
CA ARG B 126 -7.46 -15.90 -7.33
C ARG B 126 -6.42 -15.15 -8.18
N CYS B 127 -6.84 -14.54 -9.30
CA CYS B 127 -5.96 -13.74 -10.20
C CYS B 127 -5.39 -12.54 -9.43
N LYS B 128 -6.23 -11.83 -8.69
CA LYS B 128 -5.80 -10.65 -7.89
C LYS B 128 -4.76 -11.09 -6.85
N ILE B 129 -4.97 -12.24 -6.21
CA ILE B 129 -4.08 -12.80 -5.16
C ILE B 129 -2.73 -13.18 -5.78
N ALA B 130 -2.73 -13.84 -6.95
CA ALA B 130 -1.50 -14.26 -7.67
C ALA B 130 -0.64 -13.02 -7.96
N GLN B 131 -1.27 -11.96 -8.49
CA GLN B 131 -0.63 -10.67 -8.86
C GLN B 131 -0.07 -9.98 -7.60
N GLY B 132 -0.87 -9.92 -6.53
CA GLY B 132 -0.45 -9.35 -5.24
C GLY B 132 0.80 -10.03 -4.71
N ALA B 133 0.77 -11.36 -4.59
CA ALA B 133 1.89 -12.18 -4.09
C ALA B 133 3.15 -11.87 -4.89
N ALA B 134 3.04 -11.87 -6.22
CA ALA B 134 4.14 -11.61 -7.19
C ALA B 134 4.71 -10.22 -6.95
N ASN B 135 3.86 -9.25 -6.65
CA ASN B 135 4.26 -7.84 -6.41
C ASN B 135 5.10 -7.77 -5.14
N GLY B 136 4.70 -8.50 -4.09
CA GLY B 136 5.43 -8.57 -2.81
C GLY B 136 6.79 -9.24 -2.97
N ILE B 137 6.85 -10.36 -3.70
CA ILE B 137 8.11 -11.11 -3.98
C ILE B 137 9.05 -10.21 -4.78
N ASN B 138 8.52 -9.45 -5.75
CA ASN B 138 9.30 -8.51 -6.59
C ASN B 138 9.95 -7.44 -5.69
N PHE B 139 9.20 -6.90 -4.74
CA PHE B 139 9.72 -5.89 -3.79
C PHE B 139 10.91 -6.50 -3.03
N LEU B 140 10.77 -7.74 -2.57
CA LEU B 140 11.83 -8.45 -1.80
C LEU B 140 13.06 -8.64 -2.68
N HIS B 141 12.89 -9.17 -3.90
CA HIS B 141 14.00 -9.47 -4.86
C HIS B 141 14.67 -8.16 -5.30
N GLU B 142 13.90 -7.10 -5.55
CA GLU B 142 14.42 -5.74 -5.89
C GLU B 142 15.37 -5.26 -4.78
N ASN B 143 15.07 -5.58 -3.52
CA ASN B 143 15.85 -5.16 -2.32
C ASN B 143 16.77 -6.30 -1.86
N HIS B 144 17.15 -7.18 -2.79
CA HIS B 144 18.21 -8.22 -2.63
C HIS B 144 17.92 -9.09 -1.41
N HIS B 145 16.64 -9.35 -1.13
CA HIS B 145 16.17 -10.32 -0.12
C HIS B 145 15.73 -11.59 -0.84
N ILE B 146 16.09 -12.75 -0.29
CA ILE B 146 15.60 -14.09 -0.73
C ILE B 146 14.72 -14.61 0.42
N HIS B 147 13.47 -14.96 0.12
CA HIS B 147 12.48 -15.40 1.14
C HIS B 147 12.85 -16.78 1.68
N ARG B 148 13.01 -17.77 0.78
CA ARG B 148 13.48 -19.16 1.08
C ARG B 148 12.34 -20.05 1.59
N ASP B 149 11.11 -19.54 1.74
CA ASP B 149 9.96 -20.35 2.24
C ASP B 149 8.65 -19.80 1.65
N ILE B 150 8.63 -19.55 0.35
CA ILE B 150 7.40 -19.14 -0.40
C ILE B 150 6.47 -20.36 -0.43
N LYS B 151 5.31 -20.22 0.22
CA LYS B 151 4.21 -21.21 0.16
C LYS B 151 2.91 -20.49 0.52
N SER B 152 1.77 -21.14 0.25
CA SER B 152 0.41 -20.56 0.41
C SER B 152 0.12 -20.29 1.89
N ALA B 153 0.75 -21.03 2.80
CA ALA B 153 0.64 -20.80 4.26
C ALA B 153 1.36 -19.49 4.63
N ASN B 154 2.32 -19.04 3.81
CA ASN B 154 3.11 -17.79 4.04
C ASN B 154 2.59 -16.68 3.12
N ILE B 155 1.39 -16.83 2.57
CA ILE B 155 0.63 -15.74 1.88
C ILE B 155 -0.67 -15.52 2.66
N LEU B 156 -0.75 -14.40 3.37
CA LEU B 156 -1.93 -14.03 4.20
C LEU B 156 -2.81 -13.06 3.41
N LEU B 157 -4.07 -12.92 3.85
CA LEU B 157 -5.15 -12.19 3.12
C LEU B 157 -5.87 -11.28 4.11
N ASP B 158 -5.95 -9.98 3.81
CA ASP B 158 -6.62 -8.96 4.68
C ASP B 158 -8.12 -8.98 4.38
N GLU B 159 -8.86 -8.01 4.92
CA GLU B 159 -10.35 -7.94 4.83
C GLU B 159 -10.79 -7.96 3.35
N ALA B 160 -10.00 -7.35 2.46
CA ALA B 160 -10.28 -7.22 1.00
C ALA B 160 -9.58 -8.31 0.18
N PHE B 161 -8.95 -9.30 0.82
CA PHE B 161 -8.24 -10.42 0.15
C PHE B 161 -7.04 -9.90 -0.66
N THR B 162 -6.40 -8.83 -0.19
CA THR B 162 -5.06 -8.40 -0.66
C THR B 162 -4.02 -9.39 -0.11
N ALA B 163 -3.19 -9.96 -0.98
CA ALA B 163 -2.16 -10.97 -0.62
C ALA B 163 -0.99 -10.29 0.07
N LYS B 164 -0.57 -10.80 1.23
CA LYS B 164 0.64 -10.33 1.98
C LYS B 164 1.60 -11.50 2.23
N ILE B 165 2.82 -11.41 1.71
CA ILE B 165 3.93 -12.35 2.00
C ILE B 165 4.31 -12.20 3.48
N SER B 166 4.40 -13.31 4.21
CA SER B 166 4.76 -13.37 5.65
C SER B 166 6.00 -14.25 5.84
N ASP B 167 6.57 -14.22 7.04
CA ASP B 167 7.74 -15.01 7.49
C ASP B 167 9.01 -14.57 6.74
N PHE B 168 9.83 -13.73 7.38
CA PHE B 168 11.18 -13.30 6.90
C PHE B 168 12.23 -13.69 7.94
N GLY B 169 11.95 -14.76 8.70
CA GLY B 169 12.88 -15.36 9.68
C GLY B 169 14.06 -16.02 9.00
N LEU B 170 13.85 -16.61 7.82
CA LEU B 170 14.88 -17.33 7.03
C LEU B 170 15.38 -16.46 5.88
N ALA B 171 14.98 -15.18 5.83
CA ALA B 171 15.29 -14.22 4.74
C ALA B 171 16.78 -13.87 4.76
N ARG B 172 17.38 -13.64 3.58
CA ARG B 172 18.84 -13.39 3.40
C ARG B 172 19.05 -12.16 2.52
N GLN B 179 27.41 -15.67 -7.41
CA GLN B 179 26.94 -15.15 -6.09
C GLN B 179 26.03 -16.18 -5.41
N THR B 180 25.32 -17.01 -6.17
CA THR B 180 24.48 -18.13 -5.66
C THR B 180 25.30 -18.95 -4.66
N VAL B 181 25.15 -18.68 -3.36
CA VAL B 181 25.94 -19.32 -2.25
C VAL B 181 25.16 -20.53 -1.70
N MET B 182 25.81 -21.33 -0.85
CA MET B 182 25.27 -22.59 -0.26
C MET B 182 25.21 -22.48 1.26
N TPO B 183 24.55 -23.47 1.88
CA TPO B 183 24.46 -23.59 3.33
CB TPO B 183 23.29 -22.73 3.86
CG2 TPO B 183 21.95 -23.18 3.31
OG1 TPO B 183 23.23 -22.88 5.32
P TPO B 183 23.87 -21.79 6.35
O1P TPO B 183 25.37 -21.99 6.30
O2P TPO B 183 23.27 -22.10 7.72
O3P TPO B 183 23.44 -20.42 5.84
C TPO B 183 24.34 -25.06 3.70
O TPO B 183 23.92 -25.88 2.89
N SEP B 184 24.74 -25.38 4.94
CA SEP B 184 24.62 -26.73 5.48
CB SEP B 184 25.64 -26.94 6.59
OG SEP B 184 26.83 -26.19 6.29
C SEP B 184 23.20 -26.97 5.99
O SEP B 184 22.63 -28.04 5.75
P SEP B 184 27.73 -25.63 7.52
O1P SEP B 184 29.13 -25.41 6.95
O2P SEP B 184 27.70 -26.71 8.58
O3P SEP B 184 27.07 -24.35 7.98
N ARG B 185 22.65 -25.98 6.69
CA ARG B 185 21.31 -26.05 7.27
C ARG B 185 20.27 -25.73 6.19
N ILE B 186 19.78 -26.76 5.49
CA ILE B 186 18.61 -26.68 4.55
C ILE B 186 17.36 -26.41 5.40
N VAL B 187 16.66 -25.30 5.14
CA VAL B 187 15.46 -24.86 5.92
C VAL B 187 14.45 -24.21 4.96
N GLY B 188 13.52 -25.03 4.44
CA GLY B 188 12.30 -24.62 3.72
C GLY B 188 11.17 -25.62 3.95
N THR B 189 10.17 -25.67 3.07
CA THR B 189 9.00 -26.59 3.14
C THR B 189 9.05 -27.58 1.96
N THR B 190 9.32 -28.85 2.24
CA THR B 190 9.76 -29.90 1.27
C THR B 190 8.97 -29.83 -0.04
N ALA B 191 7.64 -29.82 0.03
CA ALA B 191 6.73 -29.95 -1.14
C ALA B 191 6.82 -28.72 -2.05
N TYR B 192 7.40 -27.61 -1.57
CA TYR B 192 7.52 -26.31 -2.27
C TYR B 192 8.93 -26.10 -2.82
N MET B 193 9.92 -26.80 -2.27
CA MET B 193 11.36 -26.46 -2.43
C MET B 193 11.87 -26.93 -3.79
N ALA B 194 12.56 -26.05 -4.51
CA ALA B 194 13.31 -26.34 -5.76
C ALA B 194 14.40 -27.36 -5.46
N PRO B 195 14.85 -28.15 -6.46
CA PRO B 195 15.97 -29.07 -6.27
C PRO B 195 17.19 -28.37 -5.67
N GLU B 196 17.62 -27.24 -6.23
CA GLU B 196 18.88 -26.54 -5.83
C GLU B 196 18.78 -26.15 -4.35
N ALA B 197 17.58 -25.83 -3.86
CA ALA B 197 17.33 -25.41 -2.46
C ALA B 197 17.51 -26.62 -1.54
N LEU B 198 17.05 -27.80 -1.97
CA LEU B 198 17.21 -29.07 -1.22
C LEU B 198 18.69 -29.47 -1.18
N ARG B 199 19.50 -29.02 -2.15
CA ARG B 199 20.97 -29.25 -2.22
C ARG B 199 21.72 -28.27 -1.32
N GLY B 200 21.09 -27.17 -0.90
CA GLY B 200 21.67 -26.19 0.03
C GLY B 200 21.96 -24.85 -0.60
N GLU B 201 21.71 -24.67 -1.91
CA GLU B 201 21.88 -23.36 -2.60
C GLU B 201 20.86 -22.36 -2.05
N ILE B 202 21.24 -21.07 -2.04
CA ILE B 202 20.39 -19.90 -1.68
C ILE B 202 20.37 -18.95 -2.87
N THR B 203 19.21 -18.79 -3.51
CA THR B 203 19.03 -17.99 -4.75
C THR B 203 17.56 -17.59 -4.91
N PRO B 204 17.27 -16.39 -5.45
CA PRO B 204 15.89 -16.00 -5.73
C PRO B 204 15.20 -16.91 -6.78
N LYS B 205 15.97 -17.68 -7.56
CA LYS B 205 15.44 -18.65 -8.55
C LYS B 205 14.60 -19.71 -7.83
N SER B 206 14.98 -20.06 -6.59
CA SER B 206 14.23 -20.99 -5.71
C SER B 206 12.89 -20.36 -5.30
N ASP B 207 12.86 -19.06 -5.00
CA ASP B 207 11.61 -18.30 -4.69
C ASP B 207 10.63 -18.46 -5.86
N ILE B 208 11.11 -18.40 -7.10
CA ILE B 208 10.28 -18.48 -8.34
C ILE B 208 9.67 -19.89 -8.44
N TYR B 209 10.47 -20.94 -8.25
CA TYR B 209 10.00 -22.35 -8.33
C TYR B 209 8.87 -22.55 -7.32
N SER B 210 9.10 -22.21 -6.06
CA SER B 210 8.11 -22.31 -4.96
C SER B 210 6.84 -21.53 -5.34
N PHE B 211 6.98 -20.33 -5.92
CA PHE B 211 5.81 -19.51 -6.34
C PHE B 211 5.03 -20.26 -7.44
N GLY B 212 5.74 -20.94 -8.33
CA GLY B 212 5.12 -21.82 -9.35
C GLY B 212 4.20 -22.84 -8.71
N VAL B 213 4.65 -23.47 -7.62
CA VAL B 213 3.84 -24.45 -6.83
C VAL B 213 2.59 -23.73 -6.30
N VAL B 214 2.76 -22.51 -5.78
CA VAL B 214 1.63 -21.69 -5.23
C VAL B 214 0.61 -21.46 -6.36
N LEU B 215 1.07 -21.20 -7.58
CA LEU B 215 0.19 -20.96 -8.74
C LEU B 215 -0.60 -22.23 -9.07
N LEU B 216 0.03 -23.41 -8.97
CA LEU B 216 -0.66 -24.72 -9.15
C LEU B 216 -1.75 -24.86 -8.08
N GLU B 217 -1.43 -24.53 -6.83
CA GLU B 217 -2.40 -24.56 -5.69
C GLU B 217 -3.61 -23.69 -6.04
N ILE B 218 -3.37 -22.50 -6.60
CA ILE B 218 -4.42 -21.50 -6.94
C ILE B 218 -5.30 -22.05 -8.07
N ILE B 219 -4.68 -22.60 -9.11
CA ILE B 219 -5.39 -23.14 -10.32
C ILE B 219 -6.23 -24.35 -9.92
N THR B 220 -5.69 -25.24 -9.06
CA THR B 220 -6.23 -26.60 -8.81
C THR B 220 -7.04 -26.67 -7.50
N GLY B 221 -6.74 -25.81 -6.53
CA GLY B 221 -7.30 -25.88 -5.17
C GLY B 221 -6.70 -27.03 -4.36
N LEU B 222 -5.75 -27.78 -4.91
CA LEU B 222 -5.12 -28.96 -4.24
C LEU B 222 -3.95 -28.49 -3.39
N PRO B 223 -3.68 -29.12 -2.22
CA PRO B 223 -2.45 -28.86 -1.48
C PRO B 223 -1.20 -29.38 -2.21
N ALA B 224 -0.04 -28.77 -1.92
CA ALA B 224 1.28 -29.10 -2.51
C ALA B 224 1.62 -30.57 -2.26
N VAL B 225 1.41 -31.04 -1.02
CA VAL B 225 1.57 -32.47 -0.64
C VAL B 225 0.26 -33.00 -0.07
N ASP B 226 -0.11 -34.22 -0.45
CA ASP B 226 -1.22 -34.98 0.15
C ASP B 226 -0.78 -36.45 0.22
N GLU B 227 -0.54 -36.96 1.43
CA GLU B 227 0.03 -38.32 1.65
C GLU B 227 -0.95 -39.38 1.11
N HIS B 228 -2.25 -39.09 1.05
CA HIS B 228 -3.31 -40.05 0.63
C HIS B 228 -3.69 -39.85 -0.84
N ARG B 229 -2.84 -39.19 -1.63
CA ARG B 229 -3.12 -38.88 -3.06
C ARG B 229 -2.03 -39.48 -3.95
N GLU B 230 -2.40 -39.84 -5.18
CA GLU B 230 -1.45 -40.24 -6.25
C GLU B 230 -1.60 -39.24 -7.41
N PRO B 231 -0.54 -38.48 -7.79
CA PRO B 231 0.72 -38.42 -7.05
C PRO B 231 0.59 -37.58 -5.76
N GLN B 232 1.50 -37.81 -4.81
CA GLN B 232 1.52 -37.10 -3.50
C GLN B 232 1.88 -35.62 -3.71
N LEU B 233 2.76 -35.31 -4.65
CA LEU B 233 3.28 -33.94 -4.89
C LEU B 233 2.56 -33.28 -6.08
N LEU B 234 2.02 -32.08 -5.86
CA LEU B 234 1.30 -31.27 -6.87
C LEU B 234 2.21 -31.01 -8.07
N LEU B 235 3.50 -30.80 -7.86
CA LEU B 235 4.46 -30.47 -8.94
C LEU B 235 4.64 -31.70 -9.86
N ASP B 236 4.41 -32.92 -9.35
CA ASP B 236 4.44 -34.17 -10.16
C ASP B 236 3.18 -34.25 -11.02
N ILE B 237 2.06 -33.66 -10.59
CA ILE B 237 0.82 -33.55 -11.41
C ILE B 237 1.14 -32.68 -12.63
N ALA B 238 1.85 -31.56 -12.44
CA ALA B 238 2.22 -30.60 -13.51
C ALA B 238 3.16 -31.28 -14.52
N ALA B 239 4.11 -32.08 -14.04
CA ALA B 239 5.07 -32.85 -14.86
C ALA B 239 4.29 -33.84 -15.73
N ALA B 240 3.31 -34.51 -15.14
CA ALA B 240 2.43 -35.50 -15.83
C ALA B 240 1.59 -34.79 -16.91
N ILE B 241 1.17 -33.55 -16.67
CA ILE B 241 0.40 -32.74 -17.66
C ILE B 241 1.32 -32.40 -18.84
N GLU B 242 2.56 -31.98 -18.58
CA GLU B 242 3.55 -31.61 -19.62
C GLU B 242 3.91 -32.85 -20.46
N ASP B 243 3.92 -34.03 -19.84
CA ASP B 243 4.19 -35.34 -20.50
C ASP B 243 2.91 -35.92 -21.12
N GLU B 244 1.82 -35.13 -21.16
CA GLU B 244 0.53 -35.47 -21.83
C GLU B 244 -0.02 -36.81 -21.31
N GLU B 245 0.26 -37.13 -20.04
CA GLU B 245 -0.30 -38.28 -19.29
C GLU B 245 -1.60 -37.82 -18.62
N LYS B 246 -1.71 -36.52 -18.34
CA LYS B 246 -2.92 -35.86 -17.78
C LYS B 246 -3.14 -34.54 -18.53
N THR B 247 -4.29 -33.91 -18.31
CA THR B 247 -4.66 -32.60 -18.91
C THR B 247 -4.91 -31.58 -17.79
N ILE B 248 -4.68 -30.30 -18.07
CA ILE B 248 -4.88 -29.19 -17.10
C ILE B 248 -6.36 -29.10 -16.72
N GLU B 249 -7.27 -29.12 -17.70
CA GLU B 249 -8.73 -28.93 -17.49
C GLU B 249 -9.27 -29.98 -16.50
N ASP B 250 -8.65 -31.18 -16.45
CA ASP B 250 -9.05 -32.25 -15.51
C ASP B 250 -8.73 -31.84 -14.07
N TYR B 251 -7.83 -30.88 -13.86
CA TYR B 251 -7.30 -30.52 -12.52
C TYR B 251 -7.69 -29.09 -12.13
N ILE B 252 -8.23 -28.28 -13.05
CA ILE B 252 -8.74 -26.92 -12.72
C ILE B 252 -9.73 -27.09 -11.56
N ASP B 253 -9.61 -26.27 -10.51
CA ASP B 253 -10.50 -26.33 -9.33
C ASP B 253 -11.95 -26.22 -9.82
N LYS B 254 -12.80 -27.18 -9.45
CA LYS B 254 -14.23 -27.26 -9.86
C LYS B 254 -15.09 -26.39 -8.94
N LYS B 255 -14.49 -25.84 -7.87
CA LYS B 255 -15.18 -25.00 -6.87
C LYS B 255 -15.12 -23.53 -7.30
N MET B 256 -15.39 -23.26 -8.59
CA MET B 256 -15.36 -21.92 -9.23
C MET B 256 -16.44 -21.88 -10.31
N ASN B 257 -17.03 -20.70 -10.53
CA ASN B 257 -18.04 -20.41 -11.60
C ASN B 257 -17.39 -19.61 -12.74
N ASP B 258 -16.47 -18.69 -12.41
CA ASP B 258 -16.04 -17.57 -13.28
C ASP B 258 -14.63 -17.81 -13.83
N ALA B 259 -14.28 -19.05 -14.19
CA ALA B 259 -12.94 -19.43 -14.71
C ALA B 259 -13.04 -19.76 -16.21
N ASP B 260 -12.71 -18.78 -17.05
CA ASP B 260 -12.49 -18.98 -18.51
C ASP B 260 -11.14 -19.67 -18.71
N SER B 261 -11.05 -20.54 -19.72
CA SER B 261 -9.90 -21.43 -20.02
C SER B 261 -8.65 -20.62 -20.38
N THR B 262 -8.82 -19.50 -21.10
CA THR B 262 -7.70 -18.67 -21.61
C THR B 262 -6.86 -18.18 -20.41
N SER B 263 -7.49 -17.50 -19.45
CA SER B 263 -6.80 -16.89 -18.28
C SER B 263 -6.25 -17.99 -17.36
N VAL B 264 -6.94 -19.12 -17.24
CA VAL B 264 -6.48 -20.29 -16.43
C VAL B 264 -5.23 -20.89 -17.11
N GLU B 265 -5.29 -21.15 -18.43
CA GLU B 265 -4.16 -21.71 -19.19
C GLU B 265 -2.99 -20.72 -19.17
N ALA B 266 -3.28 -19.42 -19.23
CA ALA B 266 -2.28 -18.33 -19.13
C ALA B 266 -1.56 -18.41 -17.76
N MET B 267 -2.30 -18.57 -16.65
CA MET B 267 -1.67 -18.71 -15.31
C MET B 267 -0.89 -20.03 -15.23
N TYR B 268 -1.38 -21.10 -15.86
CA TYR B 268 -0.69 -22.41 -15.87
C TYR B 268 0.64 -22.28 -16.63
N SER B 269 0.63 -21.53 -17.73
CA SER B 269 1.82 -21.23 -18.56
C SER B 269 2.90 -20.57 -17.70
N VAL B 270 2.52 -19.62 -16.83
CA VAL B 270 3.44 -18.92 -15.88
C VAL B 270 3.97 -19.93 -14.87
N ALA B 271 3.07 -20.69 -14.23
CA ALA B 271 3.39 -21.76 -13.25
C ALA B 271 4.44 -22.69 -13.85
N SER B 272 4.20 -23.16 -15.08
CA SER B 272 5.05 -24.14 -15.81
C SER B 272 6.46 -23.54 -16.02
N GLN B 273 6.53 -22.30 -16.50
CA GLN B 273 7.80 -21.55 -16.67
C GLN B 273 8.54 -21.50 -15.32
N CYS B 274 7.82 -21.18 -14.24
CA CYS B 274 8.40 -21.04 -12.87
C CYS B 274 8.98 -22.38 -12.40
N LEU B 275 8.34 -23.49 -12.79
CA LEU B 275 8.62 -24.86 -12.27
C LEU B 275 9.76 -25.53 -13.07
N HIS B 276 10.29 -24.86 -14.10
CA HIS B 276 11.40 -25.37 -14.95
C HIS B 276 12.46 -26.01 -14.04
N GLU B 277 12.76 -27.27 -14.29
CA GLU B 277 13.75 -28.08 -13.53
CA GLU B 277 13.76 -28.07 -13.52
C GLU B 277 15.12 -27.40 -13.61
N LYS B 278 15.45 -26.80 -14.76
CA LYS B 278 16.68 -25.99 -14.98
C LYS B 278 16.48 -24.60 -14.35
N LYS B 279 17.17 -24.32 -13.25
CA LYS B 279 16.99 -23.10 -12.42
C LYS B 279 17.18 -21.83 -13.26
N ASN B 280 18.10 -21.84 -14.23
CA ASN B 280 18.48 -20.64 -15.03
C ASN B 280 17.51 -20.44 -16.20
N LYS B 281 16.62 -21.40 -16.47
CA LYS B 281 15.59 -21.30 -17.54
C LYS B 281 14.29 -20.70 -16.98
N ARG B 282 14.19 -20.55 -15.66
CA ARG B 282 13.02 -19.92 -14.99
C ARG B 282 13.01 -18.42 -15.28
N PRO B 283 11.81 -17.81 -15.39
CA PRO B 283 11.70 -16.35 -15.45
C PRO B 283 12.07 -15.73 -14.10
N ASP B 284 12.55 -14.49 -14.10
CA ASP B 284 12.72 -13.68 -12.87
C ASP B 284 11.34 -13.14 -12.47
N ILE B 285 11.21 -12.65 -11.23
CA ILE B 285 9.91 -12.22 -10.64
C ILE B 285 9.29 -11.11 -11.50
N LYS B 286 10.12 -10.22 -12.07
CA LYS B 286 9.66 -9.10 -12.92
C LYS B 286 8.94 -9.65 -14.16
N LYS B 287 9.51 -10.66 -14.81
CA LYS B 287 8.87 -11.33 -15.98
C LYS B 287 7.56 -11.99 -15.51
N VAL B 288 7.55 -12.60 -14.32
CA VAL B 288 6.38 -13.33 -13.75
C VAL B 288 5.24 -12.33 -13.53
N GLN B 289 5.56 -11.12 -13.04
CA GLN B 289 4.58 -10.02 -12.84
C GLN B 289 3.97 -9.64 -14.19
N GLN B 290 4.81 -9.47 -15.20
CA GLN B 290 4.43 -9.01 -16.56
C GLN B 290 3.39 -9.99 -17.13
N LEU B 291 3.68 -11.30 -17.05
CA LEU B 291 2.82 -12.38 -17.59
C LEU B 291 1.48 -12.42 -16.84
N LEU B 292 1.50 -12.26 -15.52
CA LEU B 292 0.29 -12.27 -14.66
C LEU B 292 -0.55 -11.03 -14.94
N GLN B 293 0.10 -9.89 -15.25
CA GLN B 293 -0.59 -8.62 -15.61
C GLN B 293 -1.28 -8.79 -16.98
N GLU B 294 -0.56 -9.31 -17.97
CA GLU B 294 -1.08 -9.57 -19.34
C GLU B 294 -2.26 -10.56 -19.27
N MET B 295 -2.23 -11.48 -18.30
CA MET B 295 -3.28 -12.52 -18.06
C MET B 295 -4.66 -11.86 -17.85
N THR B 296 -4.73 -10.70 -17.17
CA THR B 296 -5.98 -9.94 -16.92
C THR B 296 -6.08 -8.76 -17.89
N ALA B 297 -5.51 -8.89 -19.10
CA ALA B 297 -5.51 -7.86 -20.17
C ALA B 297 -6.10 -8.46 -21.45
C4 R6I C . -4.36 7.60 -9.17
C5 R6I C . -4.53 8.98 -9.28
C6 R6I C . -3.43 9.80 -9.43
C8 R6I C . -4.81 11.70 -9.29
C13 R6I C . -5.59 4.05 -7.38
C17 R6I C . -5.37 1.12 -7.83
C20 R6I C . 2.30 11.19 -9.02
C21 R6I C . 0.97 11.20 -9.43
C24 R6I C . 0.22 14.84 -9.79
C26 R6I C . -1.22 14.67 -9.32
C28 R6I C . 0.18 9.90 -9.57
O7 R6I C . -3.52 11.16 -9.54
N9 R6I C . -5.20 6.59 -9.03
N10 R6I C . -4.56 5.54 -8.98
C12 R6I C . -5.16 4.22 -8.82
S14 R6I C . -6.30 2.40 -7.02
O16 R6I C . -7.72 2.38 -7.53
O15 R6I C . -6.28 2.20 -5.53
C11 R6I C . -3.24 5.75 -9.07
C3 R6I C . -3.09 7.05 -9.20
C2 R6I C . -1.97 7.87 -9.35
C1 R6I C . -2.14 9.24 -9.48
N29 R6I C . -1.13 10.13 -9.56
O30 R6I C . 0.75 8.81 -9.59
N22 R6I C . 0.33 12.37 -9.65
C19 R6I C . 2.98 12.39 -8.86
C18 R6I C . 2.31 13.58 -9.11
C23 R6I C . 0.98 13.54 -9.51
C27 R6I C . 0.29 15.07 -11.29
O25 R6I C . 0.85 15.91 -9.08
C4 R6I D . -5.49 -16.85 10.61
C5 R6I D . -4.21 -17.39 10.66
C6 R6I D . -3.10 -16.55 10.75
C8 R6I D . -1.59 -18.31 10.25
C13 R6I D . -9.35 -16.91 8.93
C17 R6I D . -11.54 -16.59 6.91
C20 R6I D . -0.21 -11.36 10.41
C21 R6I D . -0.55 -12.67 10.74
C24 R6I D . 2.73 -14.42 10.94
C26 R6I D . 2.07 -15.76 10.66
C28 R6I D . -2.01 -13.12 10.88
O7 R6I D . -1.81 -17.01 10.82
N9 R6I D . -6.71 -17.39 10.51
N10 R6I D . -7.54 -16.48 10.49
C12 R6I D . -8.99 -16.71 10.39
S14 R6I D . -11.17 -16.91 8.63
O16 R6I D . -11.79 -15.86 9.49
O15 R6I D . -11.70 -18.27 8.98
C11 R6I D . -6.99 -15.27 10.55
C3 R6I D . -5.67 -15.47 10.62
C2 R6I D . -4.57 -14.61 10.72
C1 R6I D . -3.27 -15.16 10.79
N29 R6I D . -2.13 -14.45 10.84
O30 R6I D . -2.94 -12.32 10.96
N22 R6I D . 0.41 -13.59 10.87
C19 R6I D . 1.13 -11.04 10.26
C18 R6I D . 2.12 -12.00 10.42
C23 R6I D . 1.71 -13.30 10.73
C27 R6I D . 3.19 -14.35 12.39
O25 R6I D . 3.84 -14.22 10.05
C ACT E . -0.59 -1.00 18.33
O ACT E . -1.35 -1.99 18.46
OXT ACT E . -0.98 0.17 18.17
CH3 ACT E . 0.92 -1.23 18.38
#